data_9IY0
#
_entry.id   9IY0
#
_cell.length_a   37.089
_cell.length_b   103.062
_cell.length_c   52.044
_cell.angle_alpha   90.00
_cell.angle_beta   90.53
_cell.angle_gamma   90.00
#
_symmetry.space_group_name_H-M   'P 1 21 1'
#
loop_
_entity.id
_entity.type
_entity.pdbx_description
1 polymer 'Light chain of 8H3 Fab'
2 polymer 'Heavy chain of 8H3 Fab'
3 non-polymer 'MAGNESIUM ION'
4 water water
#
loop_
_entity_poly.entity_id
_entity_poly.type
_entity_poly.pdbx_seq_one_letter_code
_entity_poly.pdbx_strand_id
1 'polypeptide(L)'
;NIMMTQSPSSLAVSAGEKVTMSCKSSQSVLYSSNQKNYLAWYQQKPGQSPKLLIYWASARESGVPDRFTGSGSGTDFTLT
INSVQTEDLAVYYCHQYLSSYTFGGGTKLEIKRADAAPTVSIFPPSSEQLTSGGASVVCFLNNFYPKDINVKWKIDGSER
QNGVLNSWTDQDSKDSTYSMSSTLTLTKDEYERHNSYTCEATHKTSTSPIVKSFNRNEC
;
L
2 'polypeptide(L)'
;QVQLKESGPGLVAPSQSLSITCTVSGFSLIGYGVNWVRQPPEKGLEWLGMIWGDGSTDYNSALKSRLSITKDNSKSQVFL
KMNSLQTDDTARYYCAMGVRPDPFDYWGQGTLVTVSAAKTTPPSVYPLAPGSAAQTNSTVTLGCLVKGYFPEPVTVTWNS
GSLSSGVHTFPAVLQSDLYTLSSSVTVPSSTWPSETVTCNVAHPASSTKVDKKIVPRDCTS
;
H
#
loop_
_chem_comp.id
_chem_comp.type
_chem_comp.name
_chem_comp.formula
MG non-polymer 'MAGNESIUM ION' 'Mg 2'
#
# COMPACT_ATOMS: atom_id res chain seq x y z
N ASN A 1 -3.26 -30.50 -3.86
CA ASN A 1 -3.51 -29.04 -4.05
C ASN A 1 -4.91 -28.67 -3.56
N ILE A 2 -4.97 -28.10 -2.36
CA ILE A 2 -6.23 -27.80 -1.69
C ILE A 2 -6.62 -26.35 -1.97
N MET A 3 -7.89 -26.15 -2.29
CA MET A 3 -8.43 -24.82 -2.58
C MET A 3 -9.11 -24.25 -1.33
N MET A 4 -8.84 -22.99 -1.05
CA MET A 4 -9.33 -22.30 0.14
C MET A 4 -10.24 -21.16 -0.29
N THR A 5 -11.47 -21.17 0.22
CA THR A 5 -12.45 -20.13 -0.09
C THR A 5 -12.87 -19.43 1.20
N GLN A 6 -12.91 -18.10 1.16
CA GLN A 6 -13.28 -17.28 2.30
C GLN A 6 -14.53 -16.47 1.98
N SER A 7 -15.28 -16.14 3.02
CA SER A 7 -16.50 -15.34 2.90
C SER A 7 -16.72 -14.62 4.21
N PRO A 8 -17.27 -13.40 4.19
CA PRO A 8 -17.56 -12.58 3.00
C PRO A 8 -16.28 -12.03 2.41
N SER A 9 -16.31 -11.59 1.15
CA SER A 9 -15.12 -11.00 0.54
C SER A 9 -14.69 -9.74 1.28
N SER A 10 -15.65 -8.94 1.73
CA SER A 10 -15.36 -7.76 2.52
C SER A 10 -16.45 -7.62 3.58
N LEU A 11 -16.15 -6.82 4.60
CA LEU A 11 -17.02 -6.71 5.77
C LEU A 11 -16.73 -5.41 6.49
N ALA A 12 -17.79 -4.68 6.85
CA ALA A 12 -17.67 -3.43 7.59
C ALA A 12 -18.31 -3.58 8.96
N VAL A 13 -17.67 -2.97 9.97
CA VAL A 13 -18.13 -3.11 11.35
C VAL A 13 -17.64 -1.91 12.14
N SER A 14 -18.41 -1.52 13.15
CA SER A 14 -17.99 -0.45 14.04
C SER A 14 -17.00 -0.98 15.07
N ALA A 15 -16.16 -0.07 15.58
CA ALA A 15 -15.21 -0.43 16.62
C ALA A 15 -15.95 -0.88 17.87
N GLY A 16 -15.42 -1.92 18.52
CA GLY A 16 -16.04 -2.49 19.69
C GLY A 16 -17.03 -3.59 19.41
N GLU A 17 -17.38 -3.81 18.15
CA GLU A 17 -18.30 -4.88 17.79
C GLU A 17 -17.54 -6.17 17.52
N LYS A 18 -18.29 -7.26 17.44
CA LYS A 18 -17.76 -8.58 17.14
C LYS A 18 -17.91 -8.86 15.65
N VAL A 19 -16.97 -9.61 15.09
CA VAL A 19 -17.04 -10.05 13.71
C VAL A 19 -16.62 -11.51 13.63
N THR A 20 -17.14 -12.19 12.62
CA THR A 20 -16.80 -13.57 12.33
C THR A 20 -16.48 -13.66 10.84
N MET A 21 -15.43 -14.42 10.51
CA MET A 21 -15.07 -14.71 9.13
C MET A 21 -15.04 -16.21 8.91
N SER A 22 -15.13 -16.60 7.65
CA SER A 22 -15.31 -18.00 7.29
C SER A 22 -14.26 -18.42 6.28
N CYS A 23 -13.66 -19.59 6.50
CA CYS A 23 -12.69 -20.18 5.60
C CYS A 23 -13.07 -21.64 5.38
N LYS A 24 -13.25 -22.03 4.12
CA LYS A 24 -13.62 -23.40 3.77
C LYS A 24 -12.59 -23.98 2.79
N SER A 25 -12.18 -25.22 3.04
CA SER A 25 -11.25 -25.92 2.20
C SER A 25 -11.97 -27.00 1.40
N SER A 26 -11.52 -27.23 0.17
CA SER A 26 -12.12 -28.24 -0.68
C SER A 26 -11.73 -29.65 -0.30
N GLN A 27 -10.60 -29.82 0.39
CA GLN A 27 -10.17 -31.10 0.93
C GLN A 27 -9.85 -30.90 2.40
N SER A 28 -10.05 -31.96 3.19
CA SER A 28 -9.81 -31.86 4.61
C SER A 28 -8.35 -31.50 4.89
N VAL A 29 -8.13 -30.63 5.86
CA VAL A 29 -6.80 -30.25 6.28
C VAL A 29 -6.42 -30.94 7.61
N LEU A 30 -7.16 -31.95 8.01
CA LEU A 30 -6.87 -32.69 9.23
C LEU A 30 -5.97 -33.86 8.90
N TYR A 31 -4.83 -33.95 9.59
CA TYR A 31 -3.86 -35.02 9.38
C TYR A 31 -4.14 -36.13 10.39
N SER A 32 -4.35 -37.34 9.89
CA SER A 32 -4.68 -38.46 10.78
C SER A 32 -3.50 -38.85 11.66
N SER A 33 -2.27 -38.74 11.15
CA SER A 33 -1.08 -39.09 11.92
C SER A 33 -0.66 -38.00 12.89
N ASN A 34 -1.46 -36.96 13.06
CA ASN A 34 -1.19 -35.90 14.04
C ASN A 34 -2.44 -35.40 14.73
N GLN A 35 -3.64 -35.60 14.17
CA GLN A 35 -4.87 -35.02 14.69
C GLN A 35 -4.72 -33.51 14.85
N LYS A 36 -4.01 -32.90 13.91
CA LYS A 36 -3.85 -31.45 13.85
C LYS A 36 -4.44 -30.96 12.53
N ASN A 37 -5.15 -29.83 12.59
CA ASN A 37 -5.66 -29.15 11.40
C ASN A 37 -4.58 -28.18 10.94
N TYR A 38 -3.99 -28.43 9.77
CA TYR A 38 -2.93 -27.58 9.24
C TYR A 38 -3.56 -26.33 8.61
N LEU A 39 -4.08 -25.46 9.48
CA LEU A 39 -4.85 -24.28 9.09
C LEU A 39 -4.31 -23.07 9.84
N ALA A 40 -4.04 -21.99 9.11
CA ALA A 40 -3.50 -20.78 9.72
C ALA A 40 -4.27 -19.56 9.23
N TRP A 41 -4.24 -18.50 10.05
CA TRP A 41 -4.86 -17.23 9.74
C TRP A 41 -3.79 -16.14 9.76
N TYR A 42 -3.77 -15.31 8.72
CA TYR A 42 -2.82 -14.21 8.62
C TYR A 42 -3.57 -12.88 8.60
N GLN A 43 -2.90 -11.84 9.09
CA GLN A 43 -3.40 -10.47 9.03
C GLN A 43 -2.42 -9.67 8.19
N GLN A 44 -2.93 -8.92 7.22
CA GLN A 44 -2.10 -8.03 6.43
C GLN A 44 -2.71 -6.64 6.43
N LYS A 45 -2.06 -5.72 7.10
CA LYS A 45 -2.44 -4.33 7.10
C LYS A 45 -1.83 -3.62 5.91
N PRO A 46 -2.41 -2.51 5.48
CA PRO A 46 -1.85 -1.79 4.32
C PRO A 46 -0.39 -1.42 4.57
N GLY A 47 0.46 -1.71 3.58
CA GLY A 47 1.86 -1.38 3.66
C GLY A 47 2.70 -2.30 4.50
N GLN A 48 2.17 -3.45 4.92
CA GLN A 48 2.88 -4.37 5.78
C GLN A 48 2.76 -5.79 5.25
N SER A 49 3.71 -6.63 5.63
CA SER A 49 3.67 -8.02 5.21
C SER A 49 2.66 -8.80 6.05
N PRO A 50 2.26 -9.99 5.60
CA PRO A 50 1.35 -10.81 6.41
C PRO A 50 1.93 -11.09 7.79
N LYS A 51 1.05 -11.19 8.77
CA LYS A 51 1.42 -11.48 10.15
C LYS A 51 0.61 -12.67 10.61
N LEU A 52 1.28 -13.71 11.09
CA LEU A 52 0.58 -14.93 11.52
C LEU A 52 -0.23 -14.64 12.77
N LEU A 53 -1.52 -14.93 12.71
CA LEU A 53 -2.42 -14.79 13.85
C LEU A 53 -2.67 -16.11 14.56
N ILE A 54 -2.94 -17.17 13.80
CA ILE A 54 -3.38 -18.44 14.35
C ILE A 54 -2.77 -19.57 13.53
N TYR A 55 -2.52 -20.68 14.20
CA TYR A 55 -2.03 -21.89 13.55
C TYR A 55 -2.69 -23.10 14.23
N TRP A 56 -2.56 -24.26 13.60
CA TRP A 56 -3.30 -25.46 14.01
C TRP A 56 -4.79 -25.16 14.16
N ALA A 57 -5.28 -24.20 13.37
CA ALA A 57 -6.69 -23.83 13.33
C ALA A 57 -7.15 -23.01 14.53
N SER A 58 -6.60 -23.29 15.71
CA SER A 58 -7.05 -22.62 16.92
C SER A 58 -5.94 -22.16 17.86
N ALA A 59 -4.67 -22.43 17.55
CA ALA A 59 -3.58 -21.99 18.41
C ALA A 59 -3.21 -20.55 18.06
N ARG A 60 -3.32 -19.66 19.04
CA ARG A 60 -3.02 -18.26 18.82
C ARG A 60 -1.52 -18.01 18.95
N GLU A 61 -0.96 -17.31 17.97
CA GLU A 61 0.47 -16.99 17.98
C GLU A 61 0.82 -16.11 19.17
N SER A 62 2.02 -16.32 19.71
CA SER A 62 2.47 -15.54 20.85
C SER A 62 2.48 -14.06 20.52
N GLY A 63 1.92 -13.25 21.41
CA GLY A 63 1.86 -11.83 21.24
C GLY A 63 0.57 -11.30 20.63
N VAL A 64 -0.24 -12.18 20.04
CA VAL A 64 -1.50 -11.78 19.42
C VAL A 64 -2.55 -11.51 20.47
N PRO A 65 -3.35 -10.45 20.33
CA PRO A 65 -4.40 -10.19 21.34
C PRO A 65 -5.39 -11.34 21.45
N ASP A 66 -5.96 -11.49 22.65
CA ASP A 66 -6.88 -12.58 22.89
C ASP A 66 -8.24 -12.39 22.22
N ARG A 67 -8.51 -11.19 21.66
CA ARG A 67 -9.73 -11.01 20.91
C ARG A 67 -9.75 -11.85 19.63
N PHE A 68 -8.57 -12.27 19.16
CA PHE A 68 -8.47 -13.13 17.98
C PHE A 68 -8.56 -14.59 18.42
N THR A 69 -9.58 -15.30 17.94
CA THR A 69 -9.75 -16.72 18.20
C THR A 69 -10.20 -17.40 16.92
N GLY A 70 -9.56 -18.53 16.60
CA GLY A 70 -9.94 -19.33 15.45
C GLY A 70 -10.49 -20.67 15.89
N SER A 71 -11.34 -21.26 15.06
CA SER A 71 -11.99 -22.52 15.41
C SER A 71 -12.41 -23.24 14.14
N GLY A 72 -13.02 -24.41 14.32
CA GLY A 72 -13.41 -25.25 13.22
C GLY A 72 -12.47 -26.41 13.02
N SER A 73 -12.81 -27.24 12.06
CA SER A 73 -12.06 -28.46 11.80
C SER A 73 -12.51 -28.99 10.44
N GLY A 74 -11.79 -29.99 9.96
CA GLY A 74 -12.11 -30.59 8.68
C GLY A 74 -12.00 -29.61 7.54
N THR A 75 -13.15 -29.15 7.05
CA THR A 75 -13.20 -28.25 5.90
C THR A 75 -13.86 -26.91 6.21
N ASP A 76 -14.21 -26.65 7.47
CA ASP A 76 -14.92 -25.44 7.86
C ASP A 76 -14.19 -24.80 9.03
N PHE A 77 -13.78 -23.55 8.86
CA PHE A 77 -13.03 -22.83 9.88
C PHE A 77 -13.55 -21.42 9.99
N THR A 78 -13.22 -20.79 11.12
CA THR A 78 -13.78 -19.49 11.47
C THR A 78 -12.74 -18.69 12.22
N LEU A 79 -12.70 -17.39 11.96
CA LEU A 79 -11.89 -16.44 12.71
C LEU A 79 -12.82 -15.42 13.35
N THR A 80 -12.66 -15.18 14.64
CA THR A 80 -13.50 -14.26 15.39
C THR A 80 -12.65 -13.17 16.03
N ILE A 81 -13.14 -11.94 16.00
CA ILE A 81 -12.55 -10.81 16.72
C ILE A 81 -13.60 -10.34 17.71
N ASN A 82 -13.37 -10.63 19.01
CA ASN A 82 -14.41 -10.40 20.00
C ASN A 82 -14.78 -8.93 20.12
N SER A 83 -13.82 -8.03 19.92
CA SER A 83 -14.07 -6.60 19.98
C SER A 83 -13.13 -5.93 18.99
N VAL A 84 -13.66 -5.51 17.84
CA VAL A 84 -12.84 -4.98 16.78
C VAL A 84 -12.23 -3.64 17.20
N GLN A 85 -10.92 -3.52 17.04
CA GLN A 85 -10.22 -2.26 17.25
C GLN A 85 -10.08 -1.53 15.92
N THR A 86 -9.97 -0.20 16.00
CA THR A 86 -9.76 0.59 14.79
C THR A 86 -8.55 0.04 14.02
N GLU A 87 -7.51 -0.39 14.74
CA GLU A 87 -6.29 -0.90 14.12
C GLU A 87 -6.47 -2.27 13.48
N ASP A 88 -7.60 -2.94 13.72
CA ASP A 88 -7.85 -4.23 13.11
C ASP A 88 -8.15 -4.13 11.62
N LEU A 89 -8.29 -2.91 11.09
CA LEU A 89 -8.40 -2.71 9.65
C LEU A 89 -7.30 -3.49 8.93
N ALA A 90 -7.71 -4.46 8.10
CA ALA A 90 -6.74 -5.31 7.41
C ALA A 90 -7.49 -6.28 6.52
N VAL A 91 -6.73 -7.04 5.73
CA VAL A 91 -7.23 -8.20 5.00
C VAL A 91 -6.80 -9.45 5.77
N TYR A 92 -7.71 -10.37 5.97
CA TYR A 92 -7.44 -11.60 6.71
C TYR A 92 -7.46 -12.76 5.72
N TYR A 93 -6.35 -13.48 5.65
CA TYR A 93 -6.19 -14.62 4.77
C TYR A 93 -6.11 -15.89 5.60
N CYS A 94 -6.86 -16.92 5.21
CA CYS A 94 -6.63 -18.24 5.76
C CYS A 94 -5.65 -18.99 4.86
N HIS A 95 -5.12 -20.08 5.40
CA HIS A 95 -3.97 -20.74 4.78
C HIS A 95 -3.93 -22.18 5.23
N GLN A 96 -3.61 -23.08 4.30
CA GLN A 96 -3.38 -24.48 4.61
C GLN A 96 -1.94 -24.83 4.23
N TYR A 97 -1.29 -25.60 5.10
CA TYR A 97 0.08 -26.05 4.89
C TYR A 97 0.17 -27.57 5.05
N LEU A 98 -0.90 -28.28 4.71
CA LEU A 98 -0.88 -29.74 4.76
C LEU A 98 -0.29 -30.31 3.48
N SER A 99 -0.80 -29.90 2.32
CA SER A 99 -0.36 -30.41 1.02
C SER A 99 0.05 -29.21 0.18
N SER A 100 1.36 -28.95 0.11
CA SER A 100 1.86 -27.72 -0.50
C SER A 100 1.28 -26.56 0.31
N TYR A 101 1.18 -25.37 -0.28
CA TYR A 101 0.78 -24.17 0.43
C TYR A 101 -0.19 -23.37 -0.43
N THR A 102 -1.41 -23.18 0.06
CA THR A 102 -2.41 -22.40 -0.64
C THR A 102 -3.06 -21.41 0.31
N PHE A 103 -3.59 -20.33 -0.27
CA PHE A 103 -4.19 -19.24 0.48
C PHE A 103 -5.59 -18.96 -0.03
N GLY A 104 -6.46 -18.50 0.86
CA GLY A 104 -7.76 -18.02 0.45
C GLY A 104 -7.69 -16.63 -0.18
N GLY A 105 -8.81 -16.22 -0.76
CA GLY A 105 -8.89 -14.93 -1.41
C GLY A 105 -8.90 -13.75 -0.46
N GLY A 106 -9.08 -14.00 0.83
CA GLY A 106 -9.04 -12.94 1.83
C GLY A 106 -10.41 -12.38 2.14
N THR A 107 -10.55 -11.89 3.36
CA THR A 107 -11.71 -11.12 3.79
C THR A 107 -11.23 -9.75 4.21
N LYS A 108 -11.67 -8.70 3.50
CA LYS A 108 -11.26 -7.34 3.83
C LYS A 108 -12.14 -6.81 4.95
N LEU A 109 -11.53 -6.46 6.08
CA LEU A 109 -12.24 -5.90 7.21
C LEU A 109 -12.12 -4.39 7.18
N GLU A 110 -13.25 -3.70 7.08
CA GLU A 110 -13.32 -2.25 7.08
C GLU A 110 -14.06 -1.78 8.32
N ILE A 111 -13.81 -0.52 8.69
CA ILE A 111 -14.32 0.04 9.94
C ILE A 111 -15.40 1.07 9.63
N LYS A 112 -16.58 0.85 10.21
CA LYS A 112 -17.63 1.86 10.22
C LYS A 112 -17.37 2.86 11.33
N ARG A 113 -17.66 4.13 11.07
CA ARG A 113 -17.44 5.17 12.06
C ARG A 113 -18.42 6.30 11.81
N ALA A 114 -18.41 7.28 12.72
CA ALA A 114 -19.30 8.43 12.58
C ALA A 114 -18.84 9.32 11.43
N ASP A 115 -19.80 10.02 10.83
CA ASP A 115 -19.50 10.91 9.73
C ASP A 115 -18.47 11.96 10.14
N ALA A 116 -17.63 12.34 9.18
CA ALA A 116 -16.59 13.34 9.41
C ALA A 116 -16.49 14.23 8.17
N ALA A 117 -16.57 15.54 8.37
CA ALA A 117 -16.48 16.49 7.27
C ALA A 117 -15.03 16.62 6.80
N PRO A 118 -14.82 16.83 5.51
CA PRO A 118 -13.44 16.96 4.99
C PRO A 118 -12.86 18.35 5.22
N THR A 119 -11.54 18.39 5.30
CA THR A 119 -10.79 19.64 5.22
C THR A 119 -10.26 19.76 3.79
N VAL A 120 -10.64 20.82 3.09
CA VAL A 120 -10.31 21.01 1.68
C VAL A 120 -9.22 22.05 1.57
N SER A 121 -8.17 21.73 0.80
CA SER A 121 -7.07 22.65 0.52
C SER A 121 -6.78 22.64 -0.98
N ILE A 122 -6.62 23.83 -1.57
CA ILE A 122 -6.33 23.97 -2.98
C ILE A 122 -4.95 24.61 -3.14
N PHE A 123 -4.18 24.15 -4.13
CA PHE A 123 -2.83 24.61 -4.32
C PHE A 123 -2.59 24.99 -5.78
N PRO A 124 -2.12 26.20 -6.06
CA PRO A 124 -1.83 26.57 -7.44
C PRO A 124 -0.61 25.82 -7.96
N PRO A 125 -0.38 25.85 -9.27
CA PRO A 125 0.84 25.24 -9.81
C PRO A 125 2.08 25.89 -9.21
N SER A 126 3.12 25.08 -9.04
CA SER A 126 4.40 25.59 -8.59
C SER A 126 5.13 26.29 -9.74
N SER A 127 5.99 27.24 -9.38
CA SER A 127 6.82 27.89 -10.40
C SER A 127 7.76 26.88 -11.06
N GLU A 128 8.19 25.86 -10.32
CA GLU A 128 9.06 24.83 -10.89
C GLU A 128 8.36 24.11 -12.03
N GLN A 129 7.08 23.77 -11.87
CA GLN A 129 6.36 23.06 -12.93
C GLN A 129 6.06 23.99 -14.11
N LEU A 130 5.64 25.22 -13.82
CA LEU A 130 5.37 26.17 -14.89
C LEU A 130 6.58 26.35 -15.80
N THR A 131 7.77 26.47 -15.19
CA THR A 131 8.99 26.54 -15.98
C THR A 131 9.13 25.33 -16.91
N SER A 132 8.60 24.17 -16.52
CA SER A 132 8.63 22.99 -17.36
C SER A 132 7.50 22.95 -18.39
N GLY A 133 6.57 23.89 -18.33
CA GLY A 133 5.46 23.94 -19.26
C GLY A 133 4.19 23.29 -18.77
N GLY A 134 4.16 22.83 -17.52
CA GLY A 134 2.98 22.17 -16.99
C GLY A 134 2.33 22.97 -15.88
N ALA A 135 1.06 22.69 -15.60
CA ALA A 135 0.34 23.44 -14.58
C ALA A 135 -0.69 22.50 -13.96
N SER A 136 -0.27 21.80 -12.92
CA SER A 136 -1.17 20.94 -12.16
C SER A 136 -1.76 21.74 -11.00
N VAL A 137 -3.08 21.74 -10.89
CA VAL A 137 -3.78 22.31 -9.75
C VAL A 137 -4.24 21.16 -8.88
N VAL A 138 -3.90 21.21 -7.60
CA VAL A 138 -4.10 20.09 -6.69
C VAL A 138 -5.08 20.50 -5.60
N CYS A 139 -5.99 19.59 -5.25
CA CYS A 139 -6.94 19.78 -4.18
C CYS A 139 -6.87 18.58 -3.24
N PHE A 140 -6.63 18.85 -1.97
CA PHE A 140 -6.63 17.81 -0.95
C PHE A 140 -7.96 17.86 -0.19
N LEU A 141 -8.59 16.69 -0.04
CA LEU A 141 -9.82 16.52 0.75
C LEU A 141 -9.47 15.49 1.82
N ASN A 142 -9.27 15.93 3.05
CA ASN A 142 -8.63 15.11 4.06
C ASN A 142 -9.56 14.77 5.22
N ASN A 143 -9.47 13.53 5.68
CA ASN A 143 -10.04 13.06 6.94
C ASN A 143 -11.56 13.21 6.97
N PHE A 144 -12.21 12.58 6.00
CA PHE A 144 -13.66 12.58 5.92
C PHE A 144 -14.19 11.16 5.98
N TYR A 145 -15.48 11.04 6.26
CA TYR A 145 -16.15 9.75 6.27
C TYR A 145 -17.63 10.00 6.08
N PRO A 146 -18.34 9.24 5.22
CA PRO A 146 -17.86 8.08 4.45
C PRO A 146 -17.07 8.43 3.18
N LYS A 147 -16.66 7.39 2.45
CA LYS A 147 -15.75 7.59 1.32
C LYS A 147 -16.39 8.38 0.20
N ASP A 148 -17.70 8.25 0.00
CA ASP A 148 -18.34 8.91 -1.12
C ASP A 148 -18.16 10.42 -1.02
N ILE A 149 -17.69 11.02 -2.11
CA ILE A 149 -17.44 12.46 -2.14
C ILE A 149 -17.38 12.90 -3.58
N ASN A 150 -17.96 14.06 -3.85
CA ASN A 150 -17.99 14.65 -5.19
C ASN A 150 -17.14 15.90 -5.22
N VAL A 151 -16.20 15.95 -6.15
CA VAL A 151 -15.33 17.10 -6.35
C VAL A 151 -15.59 17.65 -7.75
N LYS A 152 -15.71 18.96 -7.85
CA LYS A 152 -16.00 19.65 -9.10
C LYS A 152 -14.94 20.72 -9.31
N TRP A 153 -14.32 20.71 -10.49
CA TRP A 153 -13.31 21.70 -10.83
C TRP A 153 -13.95 22.77 -11.72
N LYS A 154 -13.81 24.03 -11.31
CA LYS A 154 -14.36 25.17 -12.04
C LYS A 154 -13.23 26.12 -12.41
N ILE A 155 -13.24 26.57 -13.66
CA ILE A 155 -12.25 27.53 -14.15
C ILE A 155 -13.01 28.74 -14.68
N ASP A 156 -12.76 29.90 -14.08
CA ASP A 156 -13.48 31.12 -14.43
C ASP A 156 -15.00 30.89 -14.39
N GLY A 157 -15.44 30.04 -13.46
CA GLY A 157 -16.84 29.74 -13.29
C GLY A 157 -17.33 28.51 -14.04
N SER A 158 -16.67 28.15 -15.14
CA SER A 158 -17.08 27.02 -15.94
C SER A 158 -16.39 25.74 -15.46
N GLU A 159 -17.12 24.63 -15.53
CA GLU A 159 -16.60 23.36 -15.03
C GLU A 159 -15.65 22.73 -16.05
N ARG A 160 -14.66 21.99 -15.54
CA ARG A 160 -13.72 21.28 -16.38
C ARG A 160 -13.57 19.86 -15.86
N GLN A 161 -13.69 18.88 -16.76
CA GLN A 161 -13.59 17.48 -16.40
C GLN A 161 -12.38 16.78 -17.02
N ASN A 162 -11.83 17.32 -18.10
CA ASN A 162 -10.66 16.73 -18.74
C ASN A 162 -9.41 17.08 -17.95
N GLY A 163 -8.61 16.06 -17.65
CA GLY A 163 -7.38 16.26 -16.91
C GLY A 163 -7.49 16.12 -15.41
N VAL A 164 -8.62 15.62 -14.91
CA VAL A 164 -8.82 15.41 -13.49
C VAL A 164 -8.44 13.99 -13.13
N LEU A 165 -7.55 13.85 -12.15
CA LEU A 165 -7.12 12.54 -11.64
C LEU A 165 -7.29 12.50 -10.13
N ASN A 166 -8.01 11.50 -9.64
CA ASN A 166 -8.37 11.39 -8.23
C ASN A 166 -7.72 10.16 -7.62
N SER A 167 -7.30 10.28 -6.37
CA SER A 167 -6.70 9.17 -5.64
C SER A 167 -7.16 9.20 -4.19
N TRP A 168 -7.63 8.05 -3.70
CA TRP A 168 -8.07 7.89 -2.33
C TRP A 168 -7.04 7.09 -1.55
N THR A 169 -6.82 7.48 -0.30
CA THR A 169 -6.03 6.67 0.60
C THR A 169 -6.86 5.54 1.18
N ASP A 170 -6.17 4.55 1.76
CA ASP A 170 -6.84 3.57 2.59
C ASP A 170 -7.48 4.27 3.80
N GLN A 171 -8.35 3.53 4.49
CA GLN A 171 -8.84 4.02 5.77
C GLN A 171 -7.68 4.22 6.73
N ASP A 172 -7.71 5.31 7.48
CA ASP A 172 -6.69 5.56 8.49
C ASP A 172 -6.77 4.51 9.59
N SER A 173 -5.61 4.03 10.03
CA SER A 173 -5.57 2.97 11.03
C SER A 173 -6.03 3.44 12.41
N LYS A 174 -6.01 4.75 12.67
CA LYS A 174 -6.34 5.27 14.00
C LYS A 174 -7.76 5.84 14.07
N ASP A 175 -8.14 6.70 13.13
CA ASP A 175 -9.46 7.31 13.15
C ASP A 175 -10.39 6.80 12.05
N SER A 176 -9.89 5.97 11.14
CA SER A 176 -10.71 5.25 10.17
C SER A 176 -11.38 6.18 9.16
N THR A 177 -10.77 7.33 8.87
CA THR A 177 -11.30 8.26 7.89
C THR A 177 -10.63 8.02 6.53
N TYR A 178 -11.17 8.69 5.51
CA TYR A 178 -10.62 8.66 4.17
C TYR A 178 -10.04 10.02 3.81
N SER A 179 -9.06 10.01 2.91
CA SER A 179 -8.54 11.23 2.31
C SER A 179 -8.50 11.02 0.81
N MET A 180 -8.63 12.12 0.08
CA MET A 180 -8.63 12.08 -1.38
C MET A 180 -7.82 13.25 -1.92
N SER A 181 -7.09 12.99 -2.99
CA SER A 181 -6.36 14.00 -3.74
C SER A 181 -6.97 14.09 -5.13
N SER A 182 -7.24 15.31 -5.59
CA SER A 182 -7.74 15.56 -6.94
C SER A 182 -6.79 16.50 -7.65
N THR A 183 -6.24 16.05 -8.77
CA THR A 183 -5.22 16.81 -9.50
C THR A 183 -5.75 17.13 -10.90
N LEU A 184 -5.89 18.43 -11.19
CA LEU A 184 -6.27 18.92 -12.51
C LEU A 184 -5.00 19.35 -13.23
N THR A 185 -4.60 18.59 -14.25
CA THR A 185 -3.34 18.83 -14.95
C THR A 185 -3.62 19.51 -16.28
N LEU A 186 -3.13 20.74 -16.41
CA LEU A 186 -3.17 21.53 -17.64
C LEU A 186 -1.75 21.81 -18.10
N THR A 187 -1.63 22.37 -19.29
CA THR A 187 -0.36 22.94 -19.70
C THR A 187 -0.24 24.36 -19.16
N LYS A 188 0.98 24.90 -19.18
CA LYS A 188 1.18 26.27 -18.73
C LYS A 188 0.29 27.23 -19.51
N ASP A 189 0.21 27.06 -20.83
CA ASP A 189 -0.56 28.00 -21.65
C ASP A 189 -2.05 27.91 -21.33
N GLU A 190 -2.57 26.71 -21.14
CA GLU A 190 -3.97 26.56 -20.73
C GLU A 190 -4.21 27.25 -19.40
N TYR A 191 -3.33 27.01 -18.43
CA TYR A 191 -3.46 27.61 -17.10
C TYR A 191 -3.46 29.14 -17.20
N GLU A 192 -2.50 29.69 -17.95
CA GLU A 192 -2.45 31.14 -18.12
C GLU A 192 -3.56 31.67 -19.02
N ARG A 193 -4.44 30.81 -19.51
CA ARG A 193 -5.59 31.22 -20.30
C ARG A 193 -6.78 31.65 -19.44
N HIS A 194 -6.75 31.33 -18.14
CA HIS A 194 -7.86 31.63 -17.24
C HIS A 194 -7.30 32.18 -15.93
N ASN A 195 -8.20 32.62 -15.05
CA ASN A 195 -7.80 33.31 -13.83
C ASN A 195 -8.32 32.65 -12.56
N SER A 196 -9.60 32.29 -12.50
CA SER A 196 -10.20 31.76 -11.29
C SER A 196 -10.21 30.24 -11.34
N TYR A 197 -9.64 29.60 -10.32
CA TYR A 197 -9.57 28.16 -10.22
C TYR A 197 -10.19 27.73 -8.90
N THR A 198 -11.18 26.84 -8.98
CA THR A 198 -11.99 26.48 -7.83
C THR A 198 -12.10 24.96 -7.71
N CYS A 199 -11.81 24.46 -6.51
CA CYS A 199 -12.09 23.07 -6.13
C CYS A 199 -13.32 23.10 -5.23
N GLU A 200 -14.42 22.52 -5.72
CA GLU A 200 -15.69 22.53 -5.01
C GLU A 200 -16.03 21.10 -4.61
N ALA A 201 -16.15 20.85 -3.32
CA ALA A 201 -16.37 19.51 -2.79
C ALA A 201 -17.73 19.43 -2.11
N THR A 202 -18.44 18.33 -2.36
CA THR A 202 -19.75 18.09 -1.78
C THR A 202 -19.71 16.76 -1.02
N HIS A 203 -20.19 16.79 0.22
CA HIS A 203 -20.14 15.63 1.09
C HIS A 203 -21.39 15.58 1.95
N LYS A 204 -21.77 14.36 2.35
CA LYS A 204 -22.97 14.16 3.14
C LYS A 204 -23.00 15.03 4.38
N THR A 205 -21.84 15.32 4.96
CA THR A 205 -21.80 16.06 6.22
C THR A 205 -22.32 17.49 6.10
N SER A 206 -22.57 17.98 4.88
CA SER A 206 -23.11 19.32 4.76
C SER A 206 -23.80 19.48 3.42
N THR A 207 -24.91 20.22 3.43
CA THR A 207 -25.58 20.57 2.19
C THR A 207 -24.84 21.66 1.43
N SER A 208 -24.18 22.56 2.14
CA SER A 208 -23.41 23.62 1.49
C SER A 208 -22.09 23.04 0.99
N PRO A 209 -21.78 23.16 -0.29
CA PRO A 209 -20.48 22.66 -0.77
C PRO A 209 -19.33 23.45 -0.17
N ILE A 210 -18.18 22.80 -0.08
CA ILE A 210 -16.95 23.43 0.37
C ILE A 210 -16.23 24.00 -0.85
N VAL A 211 -16.03 25.32 -0.85
CA VAL A 211 -15.46 26.01 -2.00
C VAL A 211 -14.10 26.56 -1.60
N LYS A 212 -13.05 26.14 -2.31
CA LYS A 212 -11.71 26.68 -2.15
C LYS A 212 -11.24 27.19 -3.50
N SER A 213 -10.76 28.43 -3.52
CA SER A 213 -10.46 29.12 -4.77
C SER A 213 -9.15 29.88 -4.66
N PHE A 214 -8.55 30.14 -5.82
CA PHE A 214 -7.41 31.04 -5.92
C PHE A 214 -7.47 31.72 -7.29
N ASN A 215 -6.86 32.88 -7.38
CA ASN A 215 -6.83 33.68 -8.59
C ASN A 215 -5.39 33.80 -9.07
N ARG A 216 -5.18 33.48 -10.35
CA ARG A 216 -3.85 33.56 -10.94
C ARG A 216 -3.24 34.96 -10.79
N ASN A 217 -4.08 35.98 -10.61
CA ASN A 217 -3.64 37.37 -10.46
C ASN A 217 -2.14 37.60 -10.33
N GLN B 1 14.90 -13.45 16.87
CA GLN B 1 15.21 -12.23 16.07
C GLN B 1 15.48 -12.56 14.60
N VAL B 2 14.52 -13.16 13.95
CA VAL B 2 14.65 -13.55 12.55
C VAL B 2 14.28 -12.37 11.67
N GLN B 3 15.09 -12.14 10.63
CA GLN B 3 14.81 -11.12 9.65
C GLN B 3 15.10 -11.66 8.26
N LEU B 4 14.27 -11.28 7.29
CA LEU B 4 14.49 -11.56 5.89
C LEU B 4 14.31 -10.28 5.10
N LYS B 5 15.19 -10.04 4.13
CA LYS B 5 15.07 -8.86 3.28
C LYS B 5 15.33 -9.26 1.83
N GLU B 6 14.39 -8.89 0.95
CA GLU B 6 14.50 -9.15 -0.48
C GLU B 6 15.19 -7.98 -1.16
N SER B 7 16.03 -8.30 -2.15
CA SER B 7 16.63 -7.31 -3.03
C SER B 7 16.44 -7.78 -4.46
N GLY B 8 15.70 -6.97 -5.24
CA GLY B 8 15.37 -7.34 -6.59
C GLY B 8 15.56 -6.19 -7.56
N PRO B 9 15.27 -6.42 -8.84
CA PRO B 9 15.55 -5.39 -9.86
C PRO B 9 14.47 -4.35 -10.01
N GLY B 10 13.26 -4.59 -9.52
CA GLY B 10 12.21 -3.61 -9.61
C GLY B 10 11.48 -3.59 -10.94
N LEU B 11 12.24 -3.68 -12.03
CA LEU B 11 11.68 -3.63 -13.38
C LEU B 11 12.29 -4.75 -14.22
N VAL B 12 11.42 -5.56 -14.82
CA VAL B 12 11.81 -6.63 -15.72
C VAL B 12 10.98 -6.50 -17.00
N ALA B 13 11.63 -6.60 -18.17
CA ALA B 13 10.91 -6.53 -19.43
C ALA B 13 10.30 -7.89 -19.78
N PRO B 14 9.18 -7.90 -20.51
CA PRO B 14 8.56 -9.18 -20.87
C PRO B 14 9.53 -10.11 -21.59
N SER B 15 9.39 -11.41 -21.28
CA SER B 15 10.22 -12.49 -21.80
C SER B 15 11.62 -12.55 -21.19
N GLN B 16 11.95 -11.57 -20.35
CA GLN B 16 13.24 -11.59 -19.65
C GLN B 16 13.10 -12.25 -18.28
N SER B 17 14.23 -12.43 -17.60
CA SER B 17 14.27 -13.19 -16.36
C SER B 17 14.30 -12.27 -15.14
N LEU B 18 13.88 -12.83 -14.01
CA LEU B 18 13.83 -12.14 -12.72
C LEU B 18 14.81 -12.79 -11.77
N SER B 19 15.61 -11.99 -11.08
CA SER B 19 16.54 -12.48 -10.08
C SER B 19 16.34 -11.68 -8.80
N ILE B 20 16.11 -12.38 -7.70
CA ILE B 20 15.94 -11.76 -6.39
C ILE B 20 16.80 -12.51 -5.39
N THR B 21 17.44 -11.78 -4.48
CA THR B 21 18.22 -12.35 -3.40
C THR B 21 17.51 -12.10 -2.09
N CYS B 22 17.32 -13.16 -1.31
CA CYS B 22 16.80 -13.05 0.05
C CYS B 22 17.98 -13.25 1.00
N THR B 23 18.33 -12.20 1.73
CA THR B 23 19.39 -12.25 2.73
C THR B 23 18.73 -12.40 4.10
N VAL B 24 19.02 -13.51 4.78
CA VAL B 24 18.37 -13.82 6.04
C VAL B 24 19.32 -13.53 7.19
N SER B 25 18.74 -13.36 8.38
CA SER B 25 19.50 -13.06 9.58
C SER B 25 18.75 -13.64 10.77
N GLY B 26 19.51 -14.08 11.77
CA GLY B 26 18.93 -14.63 12.97
C GLY B 26 18.86 -16.14 13.02
N PHE B 27 19.26 -16.81 11.95
CA PHE B 27 19.27 -18.26 11.89
C PHE B 27 20.19 -18.67 10.75
N SER B 28 20.53 -19.95 10.73
CA SER B 28 21.33 -20.55 9.66
C SER B 28 20.41 -21.21 8.65
N LEU B 29 20.71 -21.01 7.36
CA LEU B 29 19.96 -21.69 6.31
C LEU B 29 20.13 -23.20 6.37
N ILE B 30 21.21 -23.67 7.00
CA ILE B 30 21.42 -25.12 7.16
C ILE B 30 20.20 -25.75 7.83
N GLY B 31 19.58 -25.03 8.76
CA GLY B 31 18.59 -25.63 9.63
C GLY B 31 17.14 -25.33 9.32
N TYR B 32 16.88 -24.39 8.42
CA TYR B 32 15.52 -23.96 8.15
C TYR B 32 15.33 -23.76 6.65
N GLY B 33 14.12 -24.08 6.20
CA GLY B 33 13.77 -23.79 4.82
C GLY B 33 13.31 -22.36 4.64
N VAL B 34 13.48 -21.86 3.42
CA VAL B 34 13.04 -20.53 3.04
C VAL B 34 12.04 -20.68 1.89
N ASN B 35 10.91 -19.97 2.00
CA ASN B 35 9.85 -20.02 1.01
C ASN B 35 9.75 -18.69 0.27
N TRP B 36 9.15 -18.74 -0.91
CA TRP B 36 8.88 -17.56 -1.72
C TRP B 36 7.39 -17.46 -1.99
N VAL B 37 6.81 -16.28 -1.76
CA VAL B 37 5.40 -16.02 -1.97
C VAL B 37 5.28 -14.65 -2.63
N ARG B 38 4.37 -14.52 -3.57
CA ARG B 38 4.16 -13.23 -4.26
C ARG B 38 2.71 -12.77 -4.10
N GLN B 39 2.53 -11.46 -4.14
CA GLN B 39 1.22 -10.83 -4.00
C GLN B 39 1.00 -9.93 -5.19
N PRO B 40 0.06 -10.25 -6.09
CA PRO B 40 -0.15 -9.41 -7.27
C PRO B 40 -0.79 -8.09 -6.88
N PRO B 41 -0.80 -7.11 -7.80
CA PRO B 41 -1.36 -5.79 -7.44
C PRO B 41 -2.76 -5.87 -6.85
N GLU B 42 -3.58 -6.80 -7.32
CA GLU B 42 -4.94 -6.97 -6.83
C GLU B 42 -5.01 -7.75 -5.53
N LYS B 43 -3.88 -7.95 -4.86
CA LYS B 43 -3.82 -8.61 -3.56
C LYS B 43 -4.02 -10.12 -3.68
N GLY B 44 -4.15 -10.81 -2.55
CA GLY B 44 -4.05 -12.25 -2.50
C GLY B 44 -2.62 -12.70 -2.31
N LEU B 45 -2.47 -14.00 -2.04
CA LEU B 45 -1.16 -14.59 -1.84
C LEU B 45 -1.04 -15.88 -2.65
N GLU B 46 0.10 -16.03 -3.33
CA GLU B 46 0.37 -17.19 -4.17
C GLU B 46 1.75 -17.73 -3.78
N TRP B 47 1.78 -18.97 -3.29
CA TRP B 47 3.06 -19.59 -2.99
C TRP B 47 3.78 -19.96 -4.28
N LEU B 48 5.10 -19.78 -4.30
CA LEU B 48 5.91 -20.04 -5.47
C LEU B 48 6.82 -21.24 -5.34
N GLY B 49 7.50 -21.38 -4.21
CA GLY B 49 8.42 -22.50 -4.03
C GLY B 49 9.17 -22.34 -2.73
N MET B 50 9.99 -23.34 -2.43
CA MET B 50 10.84 -23.27 -1.24
C MET B 50 12.12 -24.06 -1.50
N ILE B 51 13.10 -23.83 -0.64
CA ILE B 51 14.36 -24.55 -0.64
C ILE B 51 14.63 -25.02 0.77
N TRP B 52 14.74 -26.33 0.95
CA TRP B 52 14.89 -26.90 2.29
C TRP B 52 16.31 -26.69 2.80
N GLY B 53 16.50 -27.03 4.08
CA GLY B 53 17.83 -26.95 4.65
C GLY B 53 18.86 -27.73 3.86
N ASP B 54 18.49 -28.92 3.38
CA ASP B 54 19.43 -29.80 2.68
C ASP B 54 19.61 -29.40 1.22
N GLY B 55 18.97 -28.34 0.76
CA GLY B 55 19.14 -27.86 -0.58
C GLY B 55 18.12 -28.35 -1.58
N SER B 56 17.30 -29.33 -1.21
CA SER B 56 16.23 -29.75 -2.10
C SER B 56 15.19 -28.63 -2.22
N THR B 57 14.44 -28.68 -3.31
CA THR B 57 13.50 -27.61 -3.66
C THR B 57 12.15 -28.21 -4.03
N ASP B 58 11.09 -27.44 -3.76
CA ASP B 58 9.75 -27.72 -4.23
C ASP B 58 9.19 -26.45 -4.86
N TYR B 59 8.46 -26.60 -5.96
CA TYR B 59 7.93 -25.47 -6.70
C TYR B 59 6.44 -25.64 -6.92
N ASN B 60 5.76 -24.50 -7.12
CA ASN B 60 4.38 -24.51 -7.55
C ASN B 60 4.31 -25.03 -8.99
N SER B 61 3.46 -26.02 -9.23
CA SER B 61 3.38 -26.61 -10.56
C SER B 61 2.90 -25.60 -11.59
N ALA B 62 2.13 -24.59 -11.17
CA ALA B 62 1.59 -23.63 -12.11
C ALA B 62 2.68 -22.80 -12.76
N LEU B 63 3.86 -22.71 -12.17
CA LEU B 63 4.94 -21.91 -12.75
C LEU B 63 5.61 -22.59 -13.92
N LYS B 64 5.27 -23.84 -14.21
CA LYS B 64 5.73 -24.53 -15.40
C LYS B 64 7.26 -24.49 -15.52
N SER B 65 7.92 -24.82 -14.42
CA SER B 65 9.37 -25.00 -14.36
C SER B 65 10.14 -23.72 -14.70
N ARG B 66 9.44 -22.59 -14.82
CA ARG B 66 10.11 -21.31 -15.02
C ARG B 66 10.86 -20.84 -13.78
N LEU B 67 10.62 -21.47 -12.64
CA LEU B 67 11.12 -21.00 -11.35
C LEU B 67 12.21 -21.93 -10.86
N SER B 68 13.32 -21.35 -10.40
CA SER B 68 14.44 -22.10 -9.85
C SER B 68 14.91 -21.39 -8.61
N ILE B 69 15.11 -22.15 -7.53
CA ILE B 69 15.54 -21.61 -6.24
C ILE B 69 16.85 -22.28 -5.86
N THR B 70 17.84 -21.47 -5.50
CA THR B 70 19.13 -21.93 -5.00
C THR B 70 19.47 -21.13 -3.75
N LYS B 71 20.60 -21.43 -3.13
CA LYS B 71 20.98 -20.71 -1.93
C LYS B 71 22.47 -20.85 -1.69
N ASP B 72 22.99 -19.97 -0.82
CA ASP B 72 24.37 -20.02 -0.34
C ASP B 72 24.30 -20.03 1.18
N ASN B 73 24.39 -21.21 1.79
CA ASN B 73 24.32 -21.31 3.24
C ASN B 73 25.34 -20.40 3.91
N SER B 74 26.55 -20.34 3.36
CA SER B 74 27.64 -19.63 4.02
C SER B 74 27.44 -18.12 4.00
N LYS B 75 26.59 -17.60 3.10
CA LYS B 75 26.31 -16.18 3.02
C LYS B 75 24.89 -15.84 3.45
N SER B 76 24.13 -16.82 3.96
CA SER B 76 22.76 -16.61 4.41
C SER B 76 21.89 -16.00 3.31
N GLN B 77 22.07 -16.46 2.08
CA GLN B 77 21.39 -15.90 0.93
C GLN B 77 20.61 -16.98 0.19
N VAL B 78 19.38 -16.66 -0.17
CA VAL B 78 18.54 -17.52 -1.01
C VAL B 78 18.32 -16.78 -2.33
N PHE B 79 18.46 -17.50 -3.43
CA PHE B 79 18.46 -16.89 -4.77
C PHE B 79 17.24 -17.36 -5.54
N LEU B 80 16.39 -16.41 -5.92
CA LEU B 80 15.20 -16.66 -6.72
C LEU B 80 15.48 -16.31 -8.16
N LYS B 81 15.20 -17.24 -9.07
CA LYS B 81 15.36 -17.01 -10.50
C LYS B 81 14.12 -17.50 -11.23
N MET B 82 13.50 -16.61 -12.01
CA MET B 82 12.31 -16.92 -12.80
C MET B 82 12.52 -16.44 -14.22
N ASN B 83 12.18 -17.28 -15.20
CA ASN B 83 12.41 -16.98 -16.60
C ASN B 83 11.14 -16.52 -17.29
N SER B 84 11.33 -15.90 -18.44
CA SER B 84 10.24 -15.51 -19.36
C SER B 84 9.06 -14.90 -18.61
N LEU B 85 9.34 -13.80 -17.92
CA LEU B 85 8.29 -13.15 -17.15
C LEU B 85 7.29 -12.46 -18.08
N GLN B 86 6.02 -12.53 -17.72
CA GLN B 86 4.95 -11.86 -18.43
C GLN B 86 4.25 -10.90 -17.49
N THR B 87 3.34 -10.10 -18.05
CA THR B 87 2.71 -9.04 -17.27
C THR B 87 2.07 -9.58 -15.99
N ASP B 88 1.45 -10.77 -16.06
CA ASP B 88 0.76 -11.31 -14.90
C ASP B 88 1.71 -11.89 -13.86
N ASP B 89 3.02 -11.75 -14.06
CA ASP B 89 4.01 -12.01 -13.02
C ASP B 89 4.33 -10.76 -12.21
N THR B 90 3.75 -9.62 -12.56
CA THR B 90 3.91 -8.42 -11.76
C THR B 90 3.35 -8.68 -10.37
N ALA B 91 4.15 -8.43 -9.35
CA ALA B 91 3.72 -8.66 -7.98
C ALA B 91 4.81 -8.17 -7.02
N ARG B 92 4.45 -8.13 -5.74
CA ARG B 92 5.42 -8.03 -4.66
C ARG B 92 5.87 -9.43 -4.31
N TYR B 93 7.18 -9.67 -4.34
CA TYR B 93 7.76 -10.97 -4.07
C TYR B 93 8.31 -10.99 -2.66
N TYR B 94 7.77 -11.89 -1.83
CA TYR B 94 8.21 -12.09 -0.45
C TYR B 94 9.06 -13.35 -0.35
N CYS B 95 10.07 -13.32 0.51
CA CYS B 95 10.66 -14.55 1.04
C CYS B 95 10.23 -14.69 2.49
N ALA B 96 9.89 -15.91 2.89
CA ALA B 96 9.33 -16.15 4.21
C ALA B 96 9.86 -17.47 4.76
N MET B 97 9.82 -17.60 6.08
CA MET B 97 10.28 -18.81 6.73
C MET B 97 9.50 -19.01 8.03
N GLY B 98 9.39 -20.26 8.42
CA GLY B 98 8.81 -20.63 9.71
C GLY B 98 9.82 -21.38 10.55
N VAL B 99 9.83 -21.09 11.85
CA VAL B 99 10.76 -21.76 12.76
C VAL B 99 10.27 -23.17 13.08
N ARG B 100 8.95 -23.36 13.19
CA ARG B 100 8.38 -24.69 13.10
C ARG B 100 8.56 -25.15 11.66
N PRO B 101 8.28 -26.41 11.35
CA PRO B 101 8.14 -26.78 9.92
C PRO B 101 7.17 -25.89 9.17
N ASP B 102 6.13 -25.40 9.85
CA ASP B 102 5.14 -24.49 9.26
C ASP B 102 4.18 -24.04 10.38
N PRO B 103 3.40 -22.98 10.14
CA PRO B 103 3.34 -22.11 8.95
C PRO B 103 4.40 -21.02 8.95
N PHE B 104 4.44 -20.22 7.89
CA PHE B 104 5.44 -19.17 7.78
C PHE B 104 5.25 -18.14 8.89
N ASP B 105 6.30 -17.92 9.67
CA ASP B 105 6.28 -16.98 10.79
C ASP B 105 6.84 -15.62 10.44
N TYR B 106 7.93 -15.59 9.67
CA TYR B 106 8.68 -14.37 9.39
C TYR B 106 8.66 -14.09 7.91
N TRP B 107 8.29 -12.87 7.55
CA TRP B 107 8.22 -12.43 6.17
C TRP B 107 9.13 -11.23 5.97
N GLY B 108 9.77 -11.16 4.81
CA GLY B 108 10.41 -9.94 4.40
C GLY B 108 9.38 -8.87 4.08
N GLN B 109 9.88 -7.65 3.87
CA GLN B 109 9.03 -6.55 3.43
C GLN B 109 8.52 -6.77 2.02
N GLY B 110 9.17 -7.66 1.25
CA GLY B 110 8.80 -7.88 -0.13
C GLY B 110 9.40 -6.85 -1.05
N THR B 111 9.62 -7.20 -2.31
CA THR B 111 10.13 -6.26 -3.31
C THR B 111 9.19 -6.24 -4.49
N LEU B 112 8.80 -5.03 -4.93
CA LEU B 112 7.86 -4.90 -6.03
C LEU B 112 8.55 -5.20 -7.35
N VAL B 113 7.96 -6.08 -8.15
CA VAL B 113 8.44 -6.42 -9.47
C VAL B 113 7.37 -6.02 -10.46
N THR B 114 7.69 -5.09 -11.35
CA THR B 114 6.80 -4.67 -12.42
C THR B 114 7.32 -5.24 -13.72
N VAL B 115 6.44 -5.88 -14.49
CA VAL B 115 6.79 -6.45 -15.78
C VAL B 115 6.24 -5.51 -16.84
N SER B 116 7.14 -4.82 -17.54
CA SER B 116 6.76 -3.84 -18.54
C SER B 116 7.97 -3.54 -19.42
N ALA B 117 7.69 -3.21 -20.67
CA ALA B 117 8.72 -2.75 -21.60
C ALA B 117 8.96 -1.25 -21.51
N ALA B 118 8.11 -0.52 -20.78
CA ALA B 118 8.31 0.91 -20.63
C ALA B 118 9.67 1.20 -19.98
N LYS B 119 10.08 2.45 -20.08
CA LYS B 119 11.40 2.87 -19.63
C LYS B 119 11.33 3.44 -18.22
N THR B 120 12.43 3.27 -17.49
CA THR B 120 12.56 3.89 -16.18
C THR B 120 12.68 5.40 -16.34
N THR B 121 11.90 6.14 -15.54
CA THR B 121 11.87 7.59 -15.63
C THR B 121 11.90 8.19 -14.23
N PRO B 122 12.71 9.21 -13.98
CA PRO B 122 12.77 9.80 -12.65
C PRO B 122 11.59 10.72 -12.43
N PRO B 123 11.19 10.93 -11.17
CA PRO B 123 10.06 11.82 -10.89
C PRO B 123 10.45 13.28 -10.97
N SER B 124 9.44 14.10 -11.21
CA SER B 124 9.51 15.54 -11.01
C SER B 124 8.80 15.84 -9.70
N VAL B 125 9.46 16.60 -8.82
CA VAL B 125 8.92 16.90 -7.50
C VAL B 125 8.61 18.39 -7.45
N TYR B 126 7.34 18.72 -7.16
CA TYR B 126 6.92 20.10 -7.09
C TYR B 126 6.35 20.42 -5.71
N PRO B 127 6.69 21.58 -5.16
CA PRO B 127 6.10 21.99 -3.88
C PRO B 127 4.67 22.46 -4.06
N LEU B 128 3.86 22.21 -3.04
CA LEU B 128 2.47 22.65 -2.98
C LEU B 128 2.35 23.54 -1.76
N ALA B 129 2.43 24.84 -1.96
CA ALA B 129 2.29 25.84 -0.93
C ALA B 129 0.93 26.51 -1.03
N PRO B 130 0.33 26.91 0.09
CA PRO B 130 -0.97 27.59 0.03
C PRO B 130 -0.89 28.87 -0.79
N GLY B 131 -2.02 29.24 -1.37
CA GLY B 131 -2.08 30.45 -2.17
C GLY B 131 -2.37 31.72 -1.40
N SER B 132 -2.85 31.59 -0.15
CA SER B 132 -3.20 32.74 0.67
C SER B 132 -2.61 32.56 2.08
N ALA B 133 -2.81 33.57 2.92
CA ALA B 133 -2.24 33.57 4.25
C ALA B 133 -3.01 32.62 5.17
N ALA B 134 -2.31 32.11 6.18
CA ALA B 134 -2.90 31.22 7.16
C ALA B 134 -3.44 32.02 8.33
N GLN B 135 -4.64 31.65 8.78
CA GLN B 135 -5.25 32.36 9.90
C GLN B 135 -4.52 32.04 11.20
N THR B 136 -4.66 32.93 12.17
CA THR B 136 -3.99 32.74 13.45
C THR B 136 -4.51 31.48 14.14
N ASN B 137 -3.59 30.76 14.78
CA ASN B 137 -3.92 29.53 15.51
C ASN B 137 -4.64 28.51 14.63
N SER B 138 -4.27 28.47 13.37
CA SER B 138 -4.83 27.52 12.43
C SER B 138 -3.84 26.40 12.18
N THR B 139 -4.31 25.34 11.53
CA THR B 139 -3.45 24.27 11.04
C THR B 139 -3.44 24.42 9.52
N VAL B 140 -2.24 24.37 8.93
CA VAL B 140 -2.04 24.64 7.50
C VAL B 140 -1.62 23.35 6.82
N THR B 141 -2.13 23.13 5.62
CA THR B 141 -1.85 21.91 4.86
C THR B 141 -0.89 22.25 3.73
N LEU B 142 0.23 21.54 3.69
CA LEU B 142 1.21 21.63 2.63
C LEU B 142 1.25 20.31 1.87
N GLY B 143 1.99 20.30 0.78
CA GLY B 143 2.07 19.07 -0.01
C GLY B 143 3.22 19.09 -0.98
N CYS B 144 3.44 17.92 -1.57
CA CYS B 144 4.39 17.74 -2.66
C CYS B 144 3.73 16.91 -3.75
N LEU B 145 3.96 17.30 -5.00
CA LEU B 145 3.46 16.59 -6.16
C LEU B 145 4.63 15.83 -6.78
N VAL B 146 4.46 14.53 -6.95
CA VAL B 146 5.48 13.66 -7.52
C VAL B 146 4.93 13.11 -8.83
N LYS B 147 5.50 13.57 -9.95
CA LYS B 147 4.87 13.40 -11.25
C LYS B 147 5.82 12.78 -12.27
N GLY B 148 5.26 11.89 -13.08
CA GLY B 148 5.93 11.41 -14.28
C GLY B 148 7.07 10.44 -14.08
N TYR B 149 6.94 9.51 -13.14
CA TYR B 149 7.99 8.53 -12.88
C TYR B 149 7.51 7.14 -13.25
N PHE B 150 8.46 6.22 -13.40
CA PHE B 150 8.17 4.83 -13.68
C PHE B 150 9.43 4.01 -13.42
N PRO B 151 9.33 2.81 -12.84
CA PRO B 151 8.14 2.16 -12.28
C PRO B 151 7.91 2.54 -10.82
N GLU B 152 6.91 1.94 -10.17
CA GLU B 152 6.79 2.02 -8.73
C GLU B 152 7.95 1.27 -8.06
N PRO B 153 8.26 1.60 -6.80
CA PRO B 153 7.63 2.60 -5.96
C PRO B 153 8.47 3.85 -5.75
N VAL B 154 7.85 4.90 -5.19
CA VAL B 154 8.56 6.01 -4.60
C VAL B 154 8.22 6.04 -3.12
N THR B 155 9.11 6.62 -2.33
CA THR B 155 8.89 6.85 -0.92
C THR B 155 8.93 8.36 -0.67
N VAL B 156 8.02 8.84 0.17
CA VAL B 156 7.94 10.24 0.52
C VAL B 156 8.00 10.36 2.04
N THR B 157 8.85 11.25 2.54
CA THR B 157 8.88 11.60 3.95
C THR B 157 8.80 13.11 4.06
N TRP B 158 8.59 13.59 5.28
CA TRP B 158 8.52 15.02 5.58
C TRP B 158 9.54 15.31 6.68
N ASN B 159 10.43 16.26 6.41
CA ASN B 159 11.48 16.62 7.36
C ASN B 159 12.28 15.39 7.79
N SER B 160 12.70 14.60 6.80
CA SER B 160 13.54 13.44 7.00
C SER B 160 12.88 12.41 7.92
N GLY B 161 11.56 12.45 8.02
CA GLY B 161 10.82 11.56 8.88
C GLY B 161 10.44 12.15 10.23
N SER B 162 11.02 13.30 10.60
CA SER B 162 10.67 13.93 11.86
C SER B 162 9.22 14.38 11.88
N LEU B 163 8.62 14.63 10.72
CA LEU B 163 7.21 14.99 10.60
C LEU B 163 6.46 13.75 10.16
N SER B 164 5.84 13.06 11.11
CA SER B 164 5.20 11.78 10.85
C SER B 164 3.70 11.81 11.04
N SER B 165 3.17 12.64 11.93
CA SER B 165 1.74 12.75 12.13
C SER B 165 1.16 13.83 11.22
N GLY B 166 -0.08 13.64 10.82
CA GLY B 166 -0.73 14.58 9.92
C GLY B 166 -0.35 14.43 8.47
N VAL B 167 0.24 13.31 8.09
CA VAL B 167 0.70 13.08 6.72
C VAL B 167 -0.27 12.15 6.03
N HIS B 168 -0.66 12.51 4.81
CA HIS B 168 -1.36 11.62 3.88
C HIS B 168 -0.53 11.51 2.62
N THR B 169 -0.11 10.30 2.27
CA THR B 169 0.52 10.03 0.99
C THR B 169 -0.44 9.20 0.15
N PHE B 170 -0.88 9.76 -0.96
CA PHE B 170 -1.94 9.15 -1.74
C PHE B 170 -1.36 8.09 -2.67
N PRO B 171 -2.11 7.01 -2.93
CA PRO B 171 -1.61 5.99 -3.86
C PRO B 171 -1.39 6.57 -5.25
N ALA B 172 -0.37 6.04 -5.92
CA ALA B 172 -0.04 6.52 -7.27
C ALA B 172 -1.10 6.10 -8.27
N VAL B 173 -1.34 6.98 -9.25
CA VAL B 173 -2.22 6.70 -10.38
C VAL B 173 -1.36 6.55 -11.62
N LEU B 174 -1.70 5.58 -12.45
CA LEU B 174 -0.96 5.31 -13.68
C LEU B 174 -1.66 5.94 -14.87
N GLN B 175 -0.89 6.66 -15.69
CA GLN B 175 -1.42 7.24 -16.93
C GLN B 175 -0.31 7.30 -17.96
N SER B 176 -0.55 6.71 -19.13
CA SER B 176 0.39 6.73 -20.24
C SER B 176 1.77 6.26 -19.79
N ASP B 177 1.77 5.15 -19.04
CA ASP B 177 3.01 4.52 -18.58
C ASP B 177 3.81 5.44 -17.66
N LEU B 178 3.14 6.37 -16.98
CA LEU B 178 3.80 7.25 -16.03
C LEU B 178 2.95 7.38 -14.77
N TYR B 179 3.60 7.28 -13.62
CA TYR B 179 2.92 7.39 -12.34
C TYR B 179 2.96 8.82 -11.82
N THR B 180 1.88 9.21 -11.14
CA THR B 180 1.82 10.46 -10.41
C THR B 180 1.22 10.17 -9.03
N LEU B 181 1.74 10.86 -8.02
CA LEU B 181 1.15 10.80 -6.69
C LEU B 181 1.45 12.11 -5.97
N SER B 182 0.78 12.30 -4.84
CA SER B 182 0.97 13.48 -4.01
C SER B 182 0.99 13.05 -2.56
N SER B 183 1.51 13.94 -1.72
CA SER B 183 1.55 13.75 -0.29
C SER B 183 1.21 15.08 0.38
N SER B 184 0.35 15.05 1.39
CA SER B 184 -0.01 16.23 2.14
C SER B 184 0.49 16.10 3.57
N VAL B 185 0.78 17.23 4.20
CA VAL B 185 1.13 17.29 5.61
C VAL B 185 0.40 18.48 6.21
N THR B 186 -0.21 18.29 7.37
CA THR B 186 -0.95 19.34 8.06
C THR B 186 -0.25 19.64 9.37
N VAL B 187 0.12 20.90 9.56
CA VAL B 187 0.87 21.35 10.74
C VAL B 187 0.29 22.66 11.23
N PRO B 188 0.55 23.00 12.49
CA PRO B 188 0.09 24.29 13.02
C PRO B 188 0.70 25.46 12.26
N SER B 189 -0.09 26.51 12.07
CA SER B 189 0.42 27.72 11.42
C SER B 189 1.58 28.34 12.19
N SER B 190 1.69 28.07 13.49
CA SER B 190 2.80 28.60 14.28
C SER B 190 4.11 27.88 14.01
N THR B 191 4.10 26.81 13.22
CA THR B 191 5.31 26.06 12.91
C THR B 191 5.76 26.24 11.46
N TRP B 192 4.93 26.80 10.59
CA TRP B 192 5.29 27.04 9.19
C TRP B 192 4.65 28.34 8.72
N PRO B 193 5.37 29.22 8.03
CA PRO B 193 6.75 29.06 7.54
C PRO B 193 7.82 29.37 8.59
N SER B 194 7.43 29.48 9.87
CA SER B 194 8.40 29.75 10.93
C SER B 194 9.54 28.73 10.90
N GLU B 195 9.19 27.45 10.92
CA GLU B 195 10.14 26.36 10.84
C GLU B 195 10.12 25.76 9.43
N THR B 196 11.16 25.01 9.11
CA THR B 196 11.27 24.39 7.80
C THR B 196 10.35 23.19 7.66
N VAL B 197 9.71 23.07 6.50
CA VAL B 197 8.98 21.86 6.11
C VAL B 197 9.48 21.44 4.74
N THR B 198 9.99 20.21 4.64
CA THR B 198 10.61 19.70 3.43
C THR B 198 10.11 18.30 3.16
N CYS B 199 9.74 18.03 1.92
CA CYS B 199 9.38 16.67 1.52
C CYS B 199 10.57 16.02 0.83
N ASN B 200 10.79 14.75 1.18
CA ASN B 200 11.95 13.98 0.73
C ASN B 200 11.42 12.82 -0.10
N VAL B 201 11.73 12.83 -1.40
CA VAL B 201 11.19 11.88 -2.35
C VAL B 201 12.34 11.03 -2.85
N ALA B 202 12.17 9.71 -2.80
CA ALA B 202 13.16 8.77 -3.30
C ALA B 202 12.51 7.86 -4.34
N HIS B 203 13.17 7.74 -5.49
CA HIS B 203 12.80 6.80 -6.55
C HIS B 203 14.00 5.89 -6.75
N PRO B 204 14.09 4.78 -6.01
CA PRO B 204 15.30 3.93 -6.13
C PRO B 204 15.56 3.46 -7.56
N ALA B 205 14.53 3.10 -8.31
CA ALA B 205 14.74 2.61 -9.68
C ALA B 205 15.51 3.61 -10.52
N SER B 206 15.31 4.91 -10.30
CA SER B 206 16.05 5.94 -11.01
C SER B 206 17.21 6.51 -10.20
N SER B 207 17.50 5.95 -9.02
CA SER B 207 18.56 6.45 -8.16
C SER B 207 18.37 7.93 -7.86
N THR B 208 17.12 8.33 -7.69
CA THR B 208 16.76 9.73 -7.51
C THR B 208 16.41 10.00 -6.05
N LYS B 209 17.00 11.07 -5.50
CA LYS B 209 16.66 11.55 -4.17
C LYS B 209 16.53 13.06 -4.25
N VAL B 210 15.37 13.59 -3.89
CA VAL B 210 15.07 15.00 -4.03
C VAL B 210 14.48 15.53 -2.74
N ASP B 211 14.93 16.72 -2.34
CA ASP B 211 14.32 17.48 -1.25
C ASP B 211 13.68 18.72 -1.84
N LYS B 212 12.42 18.97 -1.50
CA LYS B 212 11.71 20.17 -1.92
C LYS B 212 11.24 20.90 -0.67
N LYS B 213 11.91 22.00 -0.34
CA LYS B 213 11.45 22.88 0.72
C LYS B 213 10.14 23.54 0.30
N ILE B 214 9.19 23.58 1.22
CA ILE B 214 7.92 24.25 0.99
C ILE B 214 8.09 25.69 1.46
N VAL B 215 8.13 26.62 0.51
CA VAL B 215 8.34 28.03 0.81
C VAL B 215 7.06 28.79 0.50
N PRO B 216 6.74 29.85 1.25
CA PRO B 216 5.56 30.64 0.91
C PRO B 216 5.70 31.25 -0.48
N ARG B 217 4.57 31.61 -1.07
CA ARG B 217 4.52 32.20 -2.40
C ARG B 217 3.91 33.60 -2.33
N ASP B 218 4.09 34.35 -3.41
CA ASP B 218 3.58 35.72 -3.49
C ASP B 218 2.08 35.68 -3.76
N CYS B 219 1.29 36.07 -2.76
CA CYS B 219 -0.16 36.07 -2.88
C CYS B 219 -0.63 36.87 -4.09
MG MG C . -10.79 17.55 8.09
MG MG D . -0.90 -27.65 -7.66
MG MG E . -7.57 1.37 19.11
MG MG F . 4.70 30.24 11.29
#